data_9AT5
#
_entry.id   9AT5
#
_cell.length_a   55.355
_cell.length_b   98.390
_cell.length_c   58.945
_cell.angle_alpha   90.00
_cell.angle_beta   107.97
_cell.angle_gamma   90.00
#
_symmetry.space_group_name_H-M   'P 1 21 1'
#
loop_
_entity.id
_entity.type
_entity.pdbx_description
1 polymer '3C-like proteinase nsp5'
2 non-polymer '(1R,2S)-2-({N-[({(2S)-1-[(4,4-difluorocyclohexyl)methyl]-5-oxopyrrolidin-2-yl}methoxy)carbonyl]-L-leucyl}amino)-1-hydroxy-3-[(3S)-2-oxopyrrolidin-3-yl]propane-1-sulfonic acid'
3 non-polymer '(1S,2S)-2-({N-[({(2S)-1-[(4,4-difluorocyclohexyl)methyl]-5-oxopyrrolidin-2-yl}methoxy)carbonyl]-L-leucyl}amino)-1-hydroxy-3-[(3S)-2-oxopyrrolidin-3-yl]propane-1-sulfonic acid'
4 non-polymer 'TETRAETHYLENE GLYCOL'
5 water water
#
_entity_poly.entity_id   1
_entity_poly.type   'polypeptide(L)'
_entity_poly.pdbx_seq_one_letter_code
;SNIGSGFRKMAFPSGKVEGCMVQVTCGTTTLNGLWLDDVVYCPRHVICTSEDMLNPNYEDLLIRKSNHNFLVQAGNVQLR
VIGHSMQNCVLKLKVDTANPKTPKYKFVRIQPGQTFSVLACYNGSPSGVYQCAMRPNFTIKGSFLNGSCGSVGFNIDYDC
VSFCYMHHMELPTGVHAGTDLEGNFYGPFVDRQTAQAAGTDTTITVNVLAWLYAAVINGDRWFLNRFTTTLNDFNLVAMK
YNYEPLTQDHVDILGPLSAQTGIAVLDMCASLKELLQNGMNGRTILGSALLEDEFTPFDVVRQCSGVT
;
_entity_poly.pdbx_strand_id   A,B
#
# COMPACT_ATOMS: atom_id res chain seq x y z
N GLY A 6 -10.42 10.47 1.73
CA GLY A 6 -9.48 10.89 2.75
C GLY A 6 -9.14 9.81 3.75
N PHE A 7 -9.36 8.55 3.36
CA PHE A 7 -9.05 7.42 4.23
C PHE A 7 -8.61 6.26 3.35
N ARG A 8 -7.38 5.80 3.53
CA ARG A 8 -6.74 4.84 2.64
C ARG A 8 -6.18 3.68 3.43
N LYS A 9 -6.15 2.51 2.80
CA LYS A 9 -5.44 1.38 3.38
C LYS A 9 -3.94 1.65 3.29
N MET A 10 -3.31 1.78 4.43
CA MET A 10 -1.98 2.33 4.54
C MET A 10 -1.08 1.32 5.23
N ALA A 11 0.08 1.06 4.65
CA ALA A 11 1.09 0.22 5.29
C ALA A 11 2.04 1.08 6.11
N PHE A 12 2.70 0.47 7.08
CA PHE A 12 3.77 1.16 7.77
C PHE A 12 4.94 1.38 6.83
N PRO A 13 5.71 2.45 7.03
CA PRO A 13 6.95 2.61 6.26
C PRO A 13 7.85 1.41 6.51
N SER A 14 8.40 0.86 5.43
CA SER A 14 9.04 -0.45 5.49
C SER A 14 10.55 -0.39 5.64
N GLY A 15 11.14 0.81 5.70
CA GLY A 15 12.59 0.91 5.64
C GLY A 15 13.30 0.13 6.73
N LYS A 16 12.79 0.20 7.96
CA LYS A 16 13.42 -0.54 9.05
C LYS A 16 13.48 -2.04 8.80
N VAL A 17 12.49 -2.58 8.08
CA VAL A 17 12.48 -4.00 7.77
C VAL A 17 13.33 -4.31 6.55
N GLU A 18 13.33 -3.40 5.56
CA GLU A 18 14.12 -3.63 4.35
C GLU A 18 15.58 -3.87 4.68
N GLY A 19 16.12 -3.13 5.65
CA GLY A 19 17.49 -3.28 6.06
C GLY A 19 17.82 -4.59 6.71
N CYS A 20 16.82 -5.45 6.91
CA CYS A 20 17.02 -6.75 7.53
C CYS A 20 16.84 -7.90 6.56
N MET A 21 16.43 -7.65 5.32
CA MET A 21 16.09 -8.77 4.43
C MET A 21 17.34 -9.28 3.73
N VAL A 22 17.49 -10.61 3.69
CA VAL A 22 18.60 -11.28 3.04
C VAL A 22 18.05 -12.46 2.25
N GLN A 23 18.91 -13.02 1.40
CA GLN A 23 18.59 -14.21 0.63
C GLN A 23 19.23 -15.42 1.29
N VAL A 24 18.47 -16.52 1.38
CA VAL A 24 18.94 -17.78 1.94
C VAL A 24 18.75 -18.87 0.90
N THR A 25 19.81 -19.61 0.61
CA THR A 25 19.75 -20.71 -0.36
C THR A 25 20.24 -22.00 0.28
N CYS A 26 19.53 -23.09 0.02
CA CYS A 26 19.96 -24.44 0.38
C CYS A 26 19.61 -25.34 -0.78
N GLY A 27 20.62 -26.00 -1.36
CA GLY A 27 20.37 -26.79 -2.56
C GLY A 27 19.89 -25.89 -3.68
N THR A 28 18.78 -26.28 -4.32
CA THR A 28 18.19 -25.50 -5.39
C THR A 28 17.02 -24.63 -4.90
N THR A 29 16.85 -24.48 -3.59
CA THR A 29 15.77 -23.69 -3.04
C THR A 29 16.32 -22.38 -2.52
N THR A 30 15.72 -21.27 -2.96
CA THR A 30 16.07 -19.94 -2.50
C THR A 30 14.82 -19.27 -1.96
N LEU A 31 14.96 -18.63 -0.79
CA LEU A 31 13.89 -17.83 -0.22
C LEU A 31 14.54 -16.70 0.58
N ASN A 32 13.72 -15.97 1.34
CA ASN A 32 14.19 -14.80 2.07
C ASN A 32 14.45 -15.14 3.52
N GLY A 33 15.38 -14.39 4.14
CA GLY A 33 15.60 -14.48 5.56
C GLY A 33 15.56 -13.10 6.20
N LEU A 34 15.35 -13.09 7.52
CA LEU A 34 15.29 -11.88 8.33
C LEU A 34 16.54 -11.83 9.20
N TRP A 35 17.40 -10.84 8.96
CA TRP A 35 18.71 -10.75 9.61
C TRP A 35 18.63 -9.72 10.74
N LEU A 36 18.64 -10.20 11.98
CA LEU A 36 18.57 -9.35 13.16
C LEU A 36 19.75 -9.68 14.05
N ASP A 37 20.55 -8.66 14.38
CA ASP A 37 21.81 -8.85 15.09
C ASP A 37 22.65 -9.85 14.31
N ASP A 38 23.05 -10.97 14.93
CA ASP A 38 23.85 -11.98 14.25
C ASP A 38 23.08 -13.25 13.91
N VAL A 39 21.76 -13.17 13.76
CA VAL A 39 20.94 -14.34 13.45
C VAL A 39 20.05 -14.05 12.25
N VAL A 40 19.94 -15.02 11.34
CA VAL A 40 19.05 -14.96 10.19
C VAL A 40 17.94 -15.98 10.41
N TYR A 41 16.69 -15.51 10.38
CA TYR A 41 15.50 -16.33 10.58
C TYR A 41 14.87 -16.63 9.22
N CYS A 42 14.51 -17.87 8.96
CA CYS A 42 13.88 -18.17 7.68
C CYS A 42 13.03 -19.42 7.83
N PRO A 43 12.13 -19.68 6.87
CA PRO A 43 11.32 -20.91 6.95
C PRO A 43 12.20 -22.15 6.83
N ARG A 44 11.93 -23.14 7.69
CA ARG A 44 12.77 -24.32 7.68
C ARG A 44 12.60 -25.17 6.42
N HIS A 45 11.49 -25.01 5.67
CA HIS A 45 11.32 -25.85 4.49
C HIS A 45 12.35 -25.58 3.40
N VAL A 46 13.20 -24.56 3.57
CA VAL A 46 14.32 -24.35 2.65
C VAL A 46 15.22 -25.57 2.56
N ILE A 47 15.22 -26.44 3.58
CA ILE A 47 16.09 -27.62 3.56
C ILE A 47 15.47 -28.82 2.86
N CYS A 48 14.21 -28.74 2.45
CA CYS A 48 13.56 -29.90 1.83
C CYS A 48 13.94 -30.03 0.36
N THR A 49 13.95 -31.26 -0.10
CA THR A 49 14.02 -31.61 -1.51
C THR A 49 12.64 -32.10 -1.94
N SER A 50 12.53 -32.50 -3.21
CA SER A 50 11.26 -33.01 -3.70
C SER A 50 10.88 -34.31 -3.01
N GLU A 51 11.86 -35.18 -2.77
CA GLU A 51 11.58 -36.45 -2.09
C GLU A 51 11.33 -36.27 -0.59
N ASP A 52 11.50 -35.06 -0.07
CA ASP A 52 11.31 -34.77 1.36
C ASP A 52 10.00 -34.09 1.67
N MET A 53 9.54 -33.19 0.78
CA MET A 53 8.52 -32.21 1.15
C MET A 53 7.15 -32.80 1.40
N LEU A 54 6.88 -34.05 1.01
CA LEU A 54 5.56 -34.62 1.27
C LEU A 54 5.40 -35.01 2.73
N ASN A 55 6.48 -35.40 3.40
CA ASN A 55 6.44 -35.79 4.80
C ASN A 55 7.84 -35.58 5.36
N PRO A 56 8.26 -34.32 5.57
CA PRO A 56 9.66 -34.05 5.94
C PRO A 56 9.87 -34.21 7.44
N ASN A 57 10.75 -35.15 7.82
CA ASN A 57 11.14 -35.29 9.22
C ASN A 57 12.24 -34.26 9.46
N TYR A 58 11.82 -33.05 9.83
CA TYR A 58 12.72 -31.90 9.85
C TYR A 58 13.92 -32.10 10.77
N GLU A 59 13.70 -32.68 11.96
CA GLU A 59 14.84 -32.92 12.84
C GLU A 59 15.86 -33.83 12.19
N ASP A 60 15.39 -34.86 11.48
CA ASP A 60 16.29 -35.78 10.83
C ASP A 60 16.95 -35.16 9.60
N LEU A 61 16.25 -34.27 8.89
CA LEU A 61 16.82 -33.61 7.74
C LEU A 61 17.86 -32.58 8.15
N LEU A 62 17.61 -31.87 9.25
CA LEU A 62 18.50 -30.77 9.64
C LEU A 62 19.81 -31.26 10.24
N ILE A 63 19.78 -32.39 10.96
CA ILE A 63 21.01 -32.93 11.54
C ILE A 63 21.99 -33.30 10.44
N ARG A 64 21.49 -33.60 9.24
CA ARG A 64 22.34 -34.01 8.13
C ARG A 64 22.96 -32.84 7.38
N LYS A 65 22.56 -31.61 7.69
CA LYS A 65 23.07 -30.43 7.01
C LYS A 65 24.28 -29.87 7.76
N SER A 66 25.15 -29.21 7.00
CA SER A 66 26.29 -28.50 7.55
C SER A 66 26.08 -27.00 7.40
N ASN A 67 26.85 -26.22 8.15
CA ASN A 67 26.75 -24.76 8.03
C ASN A 67 27.01 -24.31 6.60
N HIS A 68 27.92 -24.98 5.89
CA HIS A 68 28.27 -24.59 4.53
C HIS A 68 27.20 -24.96 3.51
N ASN A 69 26.18 -25.73 3.91
CA ASN A 69 25.06 -25.98 3.01
C ASN A 69 24.13 -24.80 2.89
N PHE A 70 24.27 -23.80 3.74
CA PHE A 70 23.40 -22.62 3.74
C PHE A 70 24.17 -21.44 3.16
N LEU A 71 23.67 -20.89 2.06
CA LEU A 71 24.26 -19.70 1.45
C LEU A 71 23.38 -18.51 1.80
N VAL A 72 23.94 -17.56 2.52
CA VAL A 72 23.23 -16.35 2.94
C VAL A 72 23.90 -15.17 2.27
N GLN A 73 23.11 -14.33 1.59
CA GLN A 73 23.64 -13.19 0.86
C GLN A 73 22.89 -11.94 1.25
N ALA A 74 23.62 -10.91 1.66
CA ALA A 74 23.06 -9.60 1.94
C ALA A 74 23.58 -8.68 0.85
N GLY A 75 22.71 -8.38 -0.11
CA GLY A 75 23.16 -7.64 -1.28
C GLY A 75 24.17 -8.47 -2.04
N ASN A 76 25.36 -7.89 -2.26
CA ASN A 76 26.44 -8.55 -2.98
C ASN A 76 27.51 -9.10 -2.04
N VAL A 77 27.14 -9.41 -0.79
CA VAL A 77 28.09 -9.90 0.20
C VAL A 77 27.52 -11.19 0.79
N GLN A 78 28.38 -12.19 0.93
CA GLN A 78 28.01 -13.47 1.52
C GLN A 78 28.25 -13.42 3.02
N LEU A 79 27.26 -13.83 3.81
CA LEU A 79 27.39 -13.93 5.26
C LEU A 79 27.70 -15.38 5.62
N ARG A 80 28.79 -15.59 6.33
CA ARG A 80 29.23 -16.93 6.71
C ARG A 80 28.35 -17.44 7.86
N VAL A 81 27.71 -18.59 7.63
CA VAL A 81 26.94 -19.25 8.68
C VAL A 81 27.91 -20.01 9.59
N ILE A 82 27.82 -19.75 10.89
CA ILE A 82 28.67 -20.40 11.88
C ILE A 82 27.90 -21.31 12.83
N GLY A 83 26.60 -21.42 12.66
CA GLY A 83 25.80 -22.28 13.51
C GLY A 83 24.36 -22.23 13.06
N HIS A 84 23.60 -23.22 13.48
CA HIS A 84 22.19 -23.25 13.11
C HIS A 84 21.38 -24.01 14.14
N SER A 85 20.11 -23.62 14.25
CA SER A 85 19.17 -24.32 15.11
C SER A 85 17.77 -24.12 14.54
N MET A 86 16.84 -24.92 15.02
CA MET A 86 15.47 -24.88 14.57
C MET A 86 14.57 -24.58 15.77
N GLN A 87 13.62 -23.67 15.58
CA GLN A 87 12.59 -23.41 16.59
C GLN A 87 11.27 -23.56 15.88
N ASN A 88 10.55 -24.65 16.17
CA ASN A 88 9.31 -24.93 15.47
C ASN A 88 9.55 -24.91 13.97
N CYS A 89 8.82 -24.10 13.20
CA CYS A 89 8.97 -24.10 11.75
C CYS A 89 9.95 -23.06 11.23
N VAL A 90 10.74 -22.42 12.09
CA VAL A 90 11.72 -21.42 11.69
CA VAL A 90 11.72 -21.43 11.66
C VAL A 90 13.12 -21.95 11.93
N LEU A 91 14.01 -21.69 10.99
CA LEU A 91 15.42 -22.01 11.10
C LEU A 91 16.13 -20.72 11.50
N LYS A 92 17.10 -20.84 12.40
CA LYS A 92 17.88 -19.72 12.91
C LYS A 92 19.34 -19.97 12.54
N LEU A 93 19.85 -19.21 11.58
CA LEU A 93 21.22 -19.34 11.10
C LEU A 93 22.07 -18.28 11.79
N LYS A 94 22.99 -18.72 12.64
CA LYS A 94 23.94 -17.80 13.25
C LYS A 94 25.00 -17.43 12.22
N VAL A 95 25.22 -16.14 12.05
CA VAL A 95 26.25 -15.64 11.14
C VAL A 95 27.32 -14.91 11.94
N ASP A 96 28.46 -14.68 11.29
CA ASP A 96 29.61 -14.10 11.96
C ASP A 96 29.65 -12.58 11.92
N THR A 97 28.59 -11.93 11.43
CA THR A 97 28.51 -10.48 11.38
C THR A 97 27.16 -10.01 11.88
N ALA A 98 27.16 -8.96 12.70
CA ALA A 98 25.92 -8.35 13.16
C ALA A 98 25.41 -7.36 12.15
N ASN A 99 24.09 -7.28 12.00
CA ASN A 99 23.47 -6.31 11.11
C ASN A 99 23.41 -4.96 11.80
N PRO A 100 24.18 -3.96 11.36
CA PRO A 100 24.10 -2.65 12.00
C PRO A 100 22.80 -1.94 11.72
N LYS A 101 21.99 -2.45 10.80
CA LYS A 101 20.68 -1.89 10.52
C LYS A 101 19.58 -2.51 11.35
N THR A 102 19.93 -3.37 12.31
CA THR A 102 18.90 -4.00 13.14
C THR A 102 18.12 -2.94 13.89
N PRO A 103 16.81 -2.86 13.72
CA PRO A 103 16.02 -1.90 14.48
C PRO A 103 15.74 -2.44 15.88
N LYS A 104 15.25 -1.56 16.73
CA LYS A 104 14.60 -2.03 17.94
C LYS A 104 13.41 -2.88 17.54
N TYR A 105 13.27 -4.06 18.14
CA TYR A 105 12.26 -4.98 17.65
C TYR A 105 11.76 -5.89 18.76
N LYS A 106 10.62 -6.50 18.51
CA LYS A 106 10.17 -7.63 19.30
C LYS A 106 9.43 -8.58 18.40
N PHE A 107 9.27 -9.80 18.88
CA PHE A 107 8.47 -10.81 18.22
C PHE A 107 7.15 -10.91 18.96
N VAL A 108 6.04 -10.80 18.23
CA VAL A 108 4.72 -10.86 18.84
C VAL A 108 3.88 -11.86 18.06
N ARG A 109 2.89 -12.42 18.74
CA ARG A 109 1.90 -13.27 18.10
C ARG A 109 0.59 -12.50 18.08
N ILE A 110 0.05 -12.26 16.90
CA ILE A 110 -1.15 -11.43 16.80
C ILE A 110 -2.39 -12.30 16.87
N GLN A 111 -3.49 -11.67 17.15
CA GLN A 111 -4.84 -12.17 17.30
C GLN A 111 -5.59 -12.04 15.98
N PRO A 112 -6.52 -12.96 15.72
CA PRO A 112 -7.40 -12.79 14.56
C PRO A 112 -8.07 -11.42 14.60
N GLY A 113 -8.12 -10.77 13.45
CA GLY A 113 -8.71 -9.46 13.34
C GLY A 113 -7.71 -8.33 13.43
N GLN A 114 -6.51 -8.59 13.94
CA GLN A 114 -5.48 -7.57 13.96
C GLN A 114 -4.83 -7.45 12.58
N THR A 115 -4.37 -6.24 12.28
CA THR A 115 -3.76 -5.97 11.00
C THR A 115 -2.25 -5.80 11.14
N PHE A 116 -1.58 -5.89 9.99
CA PHE A 116 -0.13 -5.74 9.95
C PHE A 116 0.26 -5.44 8.53
N SER A 117 1.48 -4.92 8.37
CA SER A 117 2.04 -4.66 7.05
C SER A 117 2.92 -5.83 6.63
N VAL A 118 2.85 -6.18 5.34
CA VAL A 118 3.66 -7.23 4.76
C VAL A 118 4.68 -6.58 3.85
N LEU A 119 5.94 -6.95 4.01
CA LEU A 119 6.98 -6.56 3.06
C LEU A 119 7.27 -7.79 2.22
N ALA A 120 6.69 -7.83 1.02
CA ALA A 120 6.88 -8.95 0.12
C ALA A 120 8.26 -8.84 -0.52
N CYS A 121 9.02 -9.93 -0.48
CA CYS A 121 10.40 -9.95 -0.93
C CYS A 121 10.63 -11.17 -1.82
N TYR A 122 11.56 -11.01 -2.76
CA TYR A 122 11.98 -12.08 -3.65
C TYR A 122 13.50 -12.02 -3.77
N ASN A 123 14.16 -13.17 -3.56
CA ASN A 123 15.63 -13.24 -3.64
C ASN A 123 16.29 -12.26 -2.68
N GLY A 124 15.71 -12.11 -1.49
CA GLY A 124 16.24 -11.18 -0.51
C GLY A 124 16.03 -9.72 -0.82
N SER A 125 15.28 -9.39 -1.88
CA SER A 125 15.08 -8.01 -2.30
CA SER A 125 15.09 -8.00 -2.28
C SER A 125 13.64 -7.59 -2.06
N PRO A 126 13.38 -6.53 -1.30
CA PRO A 126 12.01 -6.09 -1.08
C PRO A 126 11.34 -5.62 -2.38
N SER A 127 10.10 -6.04 -2.55
CA SER A 127 9.35 -5.79 -3.79
CA SER A 127 9.34 -5.82 -3.79
C SER A 127 8.09 -4.98 -3.59
N GLY A 128 7.37 -5.15 -2.48
CA GLY A 128 6.16 -4.38 -2.27
C GLY A 128 5.74 -4.42 -0.81
N VAL A 129 4.90 -3.46 -0.43
CA VAL A 129 4.42 -3.38 0.94
CA VAL A 129 4.41 -3.34 0.95
C VAL A 129 2.91 -3.13 0.92
N TYR A 130 2.19 -3.87 1.74
CA TYR A 130 0.74 -3.72 1.79
C TYR A 130 0.23 -4.17 3.14
N GLN A 131 -0.96 -3.70 3.48
CA GLN A 131 -1.61 -4.02 4.74
C GLN A 131 -2.51 -5.24 4.60
N CYS A 132 -2.46 -6.12 5.61
CA CYS A 132 -3.21 -7.37 5.68
C CYS A 132 -3.86 -7.48 7.05
N ALA A 133 -4.81 -8.39 7.19
CA ALA A 133 -5.32 -8.76 8.49
C ALA A 133 -5.15 -10.26 8.70
N MET A 134 -4.94 -10.65 9.95
CA MET A 134 -5.05 -12.06 10.31
C MET A 134 -6.53 -12.42 10.29
N ARG A 135 -6.92 -13.31 9.37
CA ARG A 135 -8.33 -13.67 9.25
C ARG A 135 -8.76 -14.49 10.45
N PRO A 136 -10.07 -14.50 10.76
CA PRO A 136 -10.55 -15.38 11.84
C PRO A 136 -10.20 -16.84 11.64
N ASN A 137 -10.07 -17.32 10.40
CA ASN A 137 -9.63 -18.69 10.15
C ASN A 137 -8.11 -18.83 10.07
N PHE A 138 -7.37 -17.78 10.46
CA PHE A 138 -5.92 -17.79 10.57
C PHE A 138 -5.19 -17.87 9.24
N THR A 139 -5.87 -17.57 8.14
CA THR A 139 -5.18 -17.31 6.90
C THR A 139 -4.98 -15.82 6.75
N ILE A 140 -4.19 -15.43 5.75
CA ILE A 140 -4.11 -14.04 5.35
C ILE A 140 -4.38 -13.96 3.86
N LYS A 141 -5.08 -12.90 3.44
CA LYS A 141 -5.37 -12.69 2.04
C LYS A 141 -4.23 -11.85 1.49
N GLY A 142 -3.14 -12.53 1.16
CA GLY A 142 -1.92 -11.87 0.77
C GLY A 142 -1.73 -11.87 -0.75
N SER A 143 -0.59 -11.31 -1.14
CA SER A 143 -0.11 -11.31 -2.51
C SER A 143 1.32 -11.84 -2.41
N PHE A 144 1.48 -13.13 -2.69
CA PHE A 144 2.75 -13.80 -2.57
C PHE A 144 2.89 -14.76 -3.75
N LEU A 145 4.03 -14.71 -4.41
CA LEU A 145 4.36 -15.53 -5.56
C LEU A 145 5.47 -16.50 -5.17
N ASN A 146 5.91 -17.32 -6.13
CA ASN A 146 7.04 -18.20 -5.88
C ASN A 146 8.24 -17.39 -5.39
N GLY A 147 8.92 -17.90 -4.37
CA GLY A 147 10.09 -17.23 -3.83
C GLY A 147 9.80 -16.21 -2.75
N SER A 148 8.54 -16.05 -2.36
CA SER A 148 8.19 -15.06 -1.36
C SER A 148 8.38 -15.54 0.07
N CYS A 149 8.58 -16.84 0.29
CA CYS A 149 8.70 -17.35 1.66
C CYS A 149 9.81 -16.62 2.42
N GLY A 150 9.57 -16.40 3.70
CA GLY A 150 10.48 -15.62 4.51
C GLY A 150 10.17 -14.14 4.52
N SER A 151 9.33 -13.65 3.62
CA SER A 151 8.77 -12.31 3.75
C SER A 151 8.06 -12.21 5.11
N VAL A 152 8.08 -11.01 5.70
CA VAL A 152 7.56 -10.85 7.06
C VAL A 152 6.44 -9.82 7.11
N GLY A 153 5.61 -9.96 8.13
CA GLY A 153 4.60 -8.98 8.49
C GLY A 153 4.96 -8.34 9.82
N PHE A 154 4.56 -7.08 9.99
CA PHE A 154 5.03 -6.33 11.13
C PHE A 154 4.12 -5.14 11.38
N ASN A 155 4.20 -4.61 12.60
CA ASN A 155 3.67 -3.31 12.96
C ASN A 155 4.81 -2.47 13.51
N ILE A 156 4.66 -1.15 13.50
CA ILE A 156 5.66 -0.27 14.10
C ILE A 156 4.98 0.60 15.15
N ASP A 157 5.60 0.68 16.32
CA ASP A 157 5.18 1.62 17.36
C ASP A 157 6.39 2.43 17.75
N TYR A 158 6.31 3.75 17.54
CA TYR A 158 7.46 4.64 17.69
C TYR A 158 8.62 4.13 16.84
N ASP A 159 9.68 3.67 17.48
CA ASP A 159 10.85 3.16 16.76
C ASP A 159 10.99 1.66 16.85
N CYS A 160 9.97 0.95 17.37
CA CYS A 160 10.07 -0.49 17.62
C CYS A 160 9.25 -1.25 16.59
N VAL A 161 9.91 -2.18 15.90
CA VAL A 161 9.25 -3.04 14.91
C VAL A 161 8.80 -4.31 15.61
N SER A 162 7.50 -4.58 15.61
CA SER A 162 6.94 -5.82 16.16
C SER A 162 6.68 -6.76 15.00
N PHE A 163 7.55 -7.75 14.84
CA PHE A 163 7.35 -8.75 13.80
C PHE A 163 6.33 -9.77 14.26
N CYS A 164 5.34 -10.04 13.41
CA CYS A 164 4.28 -10.95 13.77
C CYS A 164 4.05 -12.10 12.79
N TYR A 165 4.63 -12.06 11.60
CA TYR A 165 4.29 -13.04 10.58
C TYR A 165 5.53 -13.32 9.75
N MET A 166 5.73 -14.60 9.42
CA MET A 166 6.70 -14.98 8.41
C MET A 166 5.98 -15.90 7.42
N HIS A 167 6.19 -15.67 6.13
CA HIS A 167 5.38 -16.34 5.13
C HIS A 167 5.92 -17.72 4.77
N HIS A 168 5.01 -18.72 4.70
CA HIS A 168 5.40 -20.10 4.37
C HIS A 168 4.69 -20.71 3.16
N MET A 169 3.42 -20.40 2.89
CA MET A 169 2.68 -21.23 1.93
C MET A 169 1.42 -20.55 1.40
N GLU A 170 0.95 -21.06 0.27
CA GLU A 170 -0.31 -20.64 -0.33
C GLU A 170 -1.26 -21.83 -0.33
N LEU A 171 -2.52 -21.57 -0.08
CA LEU A 171 -3.54 -22.61 -0.07
C LEU A 171 -4.25 -22.68 -1.41
N PRO A 172 -4.95 -23.78 -1.69
CA PRO A 172 -5.64 -23.91 -3.00
C PRO A 172 -6.59 -22.77 -3.31
N THR A 173 -7.20 -22.16 -2.30
CA THR A 173 -8.12 -21.05 -2.56
C THR A 173 -7.40 -19.77 -2.93
N GLY A 174 -6.07 -19.73 -2.81
CA GLY A 174 -5.33 -18.52 -3.12
C GLY A 174 -5.03 -17.63 -1.95
N VAL A 175 -5.46 -17.99 -0.75
CA VAL A 175 -5.05 -17.29 0.47
C VAL A 175 -3.76 -17.93 0.98
N HIS A 176 -3.23 -17.38 2.07
CA HIS A 176 -1.86 -17.67 2.47
C HIS A 176 -1.77 -18.05 3.95
N ALA A 177 -0.69 -18.76 4.30
CA ALA A 177 -0.50 -19.21 5.65
C ALA A 177 0.96 -19.09 6.04
N GLY A 178 1.19 -18.86 7.33
CA GLY A 178 2.54 -18.71 7.81
C GLY A 178 2.58 -18.77 9.32
N THR A 179 3.73 -18.37 9.87
CA THR A 179 4.00 -18.54 11.29
C THR A 179 4.27 -17.20 11.96
N ASP A 180 4.31 -17.22 13.28
CA ASP A 180 4.94 -16.13 14.00
C ASP A 180 6.46 -16.29 13.94
N LEU A 181 7.19 -15.41 14.60
CA LEU A 181 8.64 -15.47 14.52
C LEU A 181 9.25 -16.48 15.50
N GLU A 182 8.42 -17.15 16.29
CA GLU A 182 8.84 -18.34 17.01
C GLU A 182 8.60 -19.59 16.19
N GLY A 183 8.07 -19.46 14.97
CA GLY A 183 7.89 -20.58 14.09
C GLY A 183 6.60 -21.36 14.28
N ASN A 184 5.66 -20.85 15.06
CA ASN A 184 4.37 -21.53 15.25
C ASN A 184 3.38 -21.02 14.21
N PHE A 185 2.79 -21.94 13.45
CA PHE A 185 1.81 -21.52 12.45
C PHE A 185 0.64 -20.82 13.12
N TYR A 186 0.09 -19.86 12.39
CA TYR A 186 -1.27 -19.43 12.64
C TYR A 186 -2.18 -20.42 11.93
N GLY A 187 -3.12 -21.00 12.66
CA GLY A 187 -4.05 -21.93 12.05
C GLY A 187 -3.56 -23.36 11.98
N PRO A 188 -4.38 -24.22 11.40
CA PRO A 188 -4.13 -25.67 11.44
C PRO A 188 -3.25 -26.18 10.32
N PHE A 189 -2.33 -25.35 9.86
CA PHE A 189 -1.53 -25.63 8.67
C PHE A 189 -0.18 -26.24 9.05
N VAL A 190 0.42 -26.90 8.06
CA VAL A 190 1.62 -27.69 8.27
C VAL A 190 2.57 -27.44 7.11
N ASP A 191 3.86 -27.30 7.42
CA ASP A 191 4.86 -27.06 6.37
C ASP A 191 5.28 -28.37 5.68
N ARG A 192 4.31 -28.99 5.02
CA ARG A 192 4.53 -30.08 4.09
C ARG A 192 3.85 -29.70 2.77
N GLN A 193 4.31 -30.33 1.69
CA GLN A 193 3.87 -29.96 0.34
C GLN A 193 2.56 -30.67 -0.01
N THR A 194 1.48 -30.20 0.61
CA THR A 194 0.15 -30.73 0.40
C THR A 194 -0.83 -29.58 0.24
N ALA A 195 -1.92 -29.85 -0.48
CA ALA A 195 -3.01 -28.90 -0.63
C ALA A 195 -3.84 -28.89 0.64
N GLN A 196 -3.85 -27.75 1.33
CA GLN A 196 -4.49 -27.67 2.64
C GLN A 196 -5.62 -26.66 2.61
N ALA A 197 -6.79 -27.06 3.11
CA ALA A 197 -7.94 -26.18 3.23
C ALA A 197 -7.96 -25.55 4.61
N ALA A 198 -8.55 -24.36 4.68
CA ALA A 198 -8.74 -23.67 5.94
C ALA A 198 -10.16 -23.92 6.45
N GLY A 199 -10.39 -23.59 7.71
CA GLY A 199 -11.74 -23.55 8.22
C GLY A 199 -12.52 -22.41 7.57
N THR A 200 -13.84 -22.44 7.78
CA THR A 200 -14.67 -21.42 7.17
C THR A 200 -14.34 -20.06 7.75
N ASP A 201 -14.13 -19.08 6.87
CA ASP A 201 -13.78 -17.77 7.37
C ASP A 201 -15.04 -16.99 7.74
N THR A 202 -14.85 -15.96 8.54
CA THR A 202 -15.90 -15.05 8.92
C THR A 202 -15.39 -13.63 8.75
N THR A 203 -16.31 -12.68 8.81
CA THR A 203 -15.96 -11.27 8.63
C THR A 203 -15.70 -10.64 9.99
N ILE A 204 -14.69 -9.76 10.05
CA ILE A 204 -14.27 -9.15 11.30
C ILE A 204 -15.15 -7.95 11.66
N THR A 205 -16.17 -8.22 12.47
CA THR A 205 -17.25 -7.25 12.69
C THR A 205 -16.75 -5.93 13.28
N VAL A 206 -15.89 -6.00 14.30
CA VAL A 206 -15.41 -4.77 14.91
C VAL A 206 -14.69 -3.90 13.89
N ASN A 207 -14.02 -4.54 12.93
CA ASN A 207 -13.31 -3.80 11.89
C ASN A 207 -14.28 -3.17 10.90
N VAL A 208 -15.34 -3.89 10.53
CA VAL A 208 -16.35 -3.28 9.66
C VAL A 208 -16.94 -2.04 10.32
N LEU A 209 -17.26 -2.15 11.61
CA LEU A 209 -17.80 -0.99 12.33
C LEU A 209 -16.81 0.17 12.34
N ALA A 210 -15.53 -0.11 12.59
CA ALA A 210 -14.52 0.94 12.59
C ALA A 210 -14.48 1.65 11.24
N TRP A 211 -14.61 0.87 10.16
CA TRP A 211 -14.56 1.43 8.81
C TRP A 211 -15.82 2.24 8.50
N LEU A 212 -16.99 1.80 8.99
CA LEU A 212 -18.18 2.63 8.83
C LEU A 212 -18.01 3.97 9.55
N TYR A 213 -17.41 3.96 10.74
CA TYR A 213 -17.08 5.22 11.41
C TYR A 213 -16.12 6.05 10.57
N ALA A 214 -15.11 5.42 9.97
CA ALA A 214 -14.20 6.16 9.09
C ALA A 214 -14.96 6.79 7.93
N ALA A 215 -15.96 6.09 7.40
CA ALA A 215 -16.78 6.66 6.34
C ALA A 215 -17.52 7.90 6.83
N VAL A 216 -18.09 7.84 8.04
CA VAL A 216 -18.82 9.00 8.56
C VAL A 216 -17.88 10.18 8.78
N ILE A 217 -16.68 9.91 9.31
CA ILE A 217 -15.66 10.94 9.48
C ILE A 217 -15.35 11.61 8.15
N ASN A 218 -15.39 10.85 7.05
CA ASN A 218 -15.13 11.39 5.72
C ASN A 218 -16.40 11.88 5.02
N GLY A 219 -17.49 12.08 5.76
CA GLY A 219 -18.68 12.71 5.21
C GLY A 219 -19.64 11.80 4.48
N ASP A 220 -19.49 10.48 4.62
CA ASP A 220 -20.34 9.52 3.92
C ASP A 220 -21.25 8.88 4.97
N ARG A 221 -22.56 9.17 4.89
CA ARG A 221 -23.46 8.69 5.94
C ARG A 221 -24.80 8.17 5.40
N TRP A 222 -24.86 7.78 4.13
CA TRP A 222 -26.12 7.30 3.56
C TRP A 222 -26.64 6.06 4.27
N PHE A 223 -25.76 5.26 4.87
CA PHE A 223 -26.10 3.99 5.49
C PHE A 223 -26.60 4.13 6.93
N LEU A 224 -26.51 5.31 7.53
CA LEU A 224 -26.99 5.48 8.89
C LEU A 224 -28.51 5.42 8.93
N ASN A 225 -29.03 5.08 10.11
CA ASN A 225 -30.47 5.06 10.32
C ASN A 225 -30.78 5.52 11.73
N ARG A 226 -32.08 5.73 11.98
CA ARG A 226 -32.56 6.26 13.25
C ARG A 226 -32.71 5.19 14.31
N PHE A 227 -32.30 3.96 14.03
CA PHE A 227 -32.61 2.82 14.90
C PHE A 227 -31.39 2.39 15.69
N THR A 228 -31.66 1.59 16.73
CA THR A 228 -30.63 1.00 17.55
C THR A 228 -30.95 -0.48 17.73
N THR A 229 -29.99 -1.22 18.28
CA THR A 229 -30.15 -2.64 18.54
C THR A 229 -29.49 -2.95 19.87
N THR A 230 -29.88 -4.07 20.47
CA THR A 230 -29.10 -4.55 21.59
C THR A 230 -27.87 -5.30 21.09
N LEU A 231 -26.89 -5.44 21.97
CA LEU A 231 -25.68 -6.17 21.61
C LEU A 231 -26.01 -7.61 21.25
N ASN A 232 -26.86 -8.26 22.05
CA ASN A 232 -27.14 -9.66 21.77
C ASN A 232 -27.97 -9.83 20.50
N ASP A 233 -28.95 -8.96 20.27
CA ASP A 233 -29.73 -9.08 19.03
C ASP A 233 -28.85 -8.86 17.82
N PHE A 234 -27.91 -7.91 17.91
CA PHE A 234 -26.98 -7.72 16.81
C PHE A 234 -26.15 -8.98 16.58
N ASN A 235 -25.62 -9.56 17.66
CA ASN A 235 -24.75 -10.72 17.52
C ASN A 235 -25.49 -11.91 16.94
N LEU A 236 -26.77 -12.08 17.26
CA LEU A 236 -27.55 -13.14 16.64
C LEU A 236 -27.57 -12.98 15.12
N VAL A 237 -27.82 -11.75 14.67
CA VAL A 237 -27.84 -11.50 13.23
C VAL A 237 -26.44 -11.65 12.64
N ALA A 238 -25.42 -11.10 13.31
CA ALA A 238 -24.05 -11.21 12.84
C ALA A 238 -23.66 -12.66 12.59
N MET A 239 -23.91 -13.53 13.56
CA MET A 239 -23.53 -14.93 13.42
CA MET A 239 -23.53 -14.93 13.42
C MET A 239 -24.26 -15.58 12.25
N LYS A 240 -25.52 -15.19 12.02
CA LYS A 240 -26.27 -15.74 10.90
C LYS A 240 -25.60 -15.41 9.57
N TYR A 241 -24.98 -14.23 9.48
CA TYR A 241 -24.32 -13.79 8.25
C TYR A 241 -22.83 -14.10 8.25
N ASN A 242 -22.37 -15.00 9.12
CA ASN A 242 -20.97 -15.38 9.20
C ASN A 242 -20.07 -14.18 9.54
N TYR A 243 -20.57 -13.31 10.42
CA TYR A 243 -19.78 -12.25 11.02
C TYR A 243 -19.38 -12.68 12.43
N GLU A 244 -18.20 -12.26 12.85
CA GLU A 244 -17.73 -12.56 14.19
C GLU A 244 -18.61 -11.85 15.23
N PRO A 245 -18.78 -12.45 16.40
CA PRO A 245 -19.47 -11.75 17.49
C PRO A 245 -18.75 -10.48 17.87
N LEU A 246 -19.53 -9.51 18.34
CA LEU A 246 -19.00 -8.25 18.87
C LEU A 246 -19.04 -8.37 20.39
N THR A 247 -17.89 -8.17 21.03
CA THR A 247 -17.80 -8.25 22.49
C THR A 247 -17.93 -6.85 23.10
N GLN A 248 -18.14 -6.82 24.41
CA GLN A 248 -18.13 -5.54 25.12
C GLN A 248 -16.79 -4.85 25.00
N ASP A 249 -15.69 -5.62 24.96
CA ASP A 249 -14.38 -5.03 24.73
C ASP A 249 -14.33 -4.33 23.38
N HIS A 250 -14.91 -4.95 22.35
CA HIS A 250 -14.97 -4.29 21.04
C HIS A 250 -15.75 -2.99 21.12
N VAL A 251 -16.92 -3.02 21.77
CA VAL A 251 -17.70 -1.81 21.97
C VAL A 251 -16.85 -0.73 22.65
N ASP A 252 -16.10 -1.12 23.69
CA ASP A 252 -15.23 -0.17 24.38
C ASP A 252 -14.16 0.38 23.46
N ILE A 253 -13.55 -0.49 22.65
CA ILE A 253 -12.49 -0.07 21.73
C ILE A 253 -13.02 0.92 20.70
N LEU A 254 -14.29 0.79 20.33
CA LEU A 254 -14.92 1.72 19.40
C LEU A 254 -15.31 3.04 20.04
N GLY A 255 -15.15 3.17 21.36
CA GLY A 255 -15.51 4.37 22.09
C GLY A 255 -15.01 5.67 21.48
N PRO A 256 -13.71 5.77 21.22
CA PRO A 256 -13.19 7.04 20.67
C PRO A 256 -13.82 7.43 19.35
N LEU A 257 -14.07 6.46 18.46
CA LEU A 257 -14.74 6.77 17.20
C LEU A 257 -16.20 7.13 17.43
N SER A 258 -16.86 6.45 18.37
CA SER A 258 -18.23 6.81 18.73
C SER A 258 -18.29 8.22 19.29
N ALA A 259 -17.35 8.59 20.14
CA ALA A 259 -17.35 9.93 20.72
C ALA A 259 -17.07 10.99 19.66
N GLN A 260 -16.21 10.67 18.69
CA GLN A 260 -15.85 11.65 17.68
C GLN A 260 -17.02 11.97 16.76
N THR A 261 -17.79 10.95 16.37
CA THR A 261 -18.90 11.12 15.45
C THR A 261 -20.24 11.33 16.15
N GLY A 262 -20.30 11.11 17.46
CA GLY A 262 -21.56 11.21 18.15
C GLY A 262 -22.56 10.12 17.82
N ILE A 263 -22.09 9.02 17.25
CA ILE A 263 -22.94 7.89 16.89
C ILE A 263 -22.61 6.76 17.85
N ALA A 264 -23.60 6.35 18.65
CA ALA A 264 -23.39 5.26 19.59
C ALA A 264 -23.04 3.98 18.85
N VAL A 265 -22.23 3.14 19.49
CA VAL A 265 -21.80 1.90 18.85
C VAL A 265 -23.00 1.04 18.47
N LEU A 266 -23.96 0.91 19.39
CA LEU A 266 -25.13 0.09 19.07
C LEU A 266 -26.01 0.72 18.00
N ASP A 267 -25.92 2.04 17.83
CA ASP A 267 -26.59 2.67 16.69
CA ASP A 267 -26.58 2.69 16.69
C ASP A 267 -25.91 2.29 15.38
N MET A 268 -24.58 2.32 15.35
CA MET A 268 -23.86 1.87 14.16
C MET A 268 -24.11 0.40 13.89
N CYS A 269 -24.27 -0.41 14.95
CA CYS A 269 -24.60 -1.83 14.77
C CYS A 269 -25.93 -1.98 14.07
N ALA A 270 -26.90 -1.12 14.38
CA ALA A 270 -28.17 -1.15 13.68
C ALA A 270 -28.03 -0.75 12.22
N SER A 271 -27.12 0.17 11.91
CA SER A 271 -26.81 0.46 10.51
C SER A 271 -26.19 -0.76 9.82
N LEU A 272 -25.24 -1.41 10.49
CA LEU A 272 -24.61 -2.59 9.87
C LEU A 272 -25.63 -3.70 9.70
N LYS A 273 -26.53 -3.88 10.68
CA LYS A 273 -27.58 -4.88 10.54
C LYS A 273 -28.41 -4.61 9.29
N GLU A 274 -28.78 -3.35 9.05
CA GLU A 274 -29.55 -3.01 7.86
C GLU A 274 -28.76 -3.32 6.59
N LEU A 275 -27.46 -3.06 6.59
CA LEU A 275 -26.64 -3.37 5.43
C LEU A 275 -26.57 -4.86 5.17
N LEU A 276 -26.49 -5.67 6.24
CA LEU A 276 -26.44 -7.12 6.07
C LEU A 276 -27.73 -7.65 5.49
N GLN A 277 -28.88 -7.16 5.98
CA GLN A 277 -30.16 -7.71 5.58
C GLN A 277 -30.63 -7.17 4.23
N ASN A 278 -30.27 -5.94 3.88
CA ASN A 278 -30.79 -5.30 2.68
C ASN A 278 -29.75 -5.09 1.59
N GLY A 279 -28.47 -5.29 1.89
CA GLY A 279 -27.43 -5.00 0.92
C GLY A 279 -27.14 -3.51 0.81
N MET A 280 -26.22 -3.20 -0.09
CA MET A 280 -25.84 -1.81 -0.32
C MET A 280 -26.59 -1.18 -1.49
N ASN A 281 -27.23 -1.99 -2.32
CA ASN A 281 -28.09 -1.54 -3.42
C ASN A 281 -27.39 -0.52 -4.32
N GLY A 282 -26.29 -0.97 -4.92
CA GLY A 282 -25.58 -0.18 -5.91
C GLY A 282 -24.65 0.87 -5.31
N ARG A 283 -24.96 1.32 -4.10
CA ARG A 283 -24.16 2.37 -3.49
C ARG A 283 -22.81 1.83 -3.02
N THR A 284 -21.89 2.74 -2.77
CA THR A 284 -20.57 2.39 -2.28
C THR A 284 -20.29 3.16 -0.99
N ILE A 285 -19.36 2.63 -0.20
CA ILE A 285 -18.91 3.25 1.03
C ILE A 285 -17.40 3.41 0.94
N LEU A 286 -16.93 4.65 1.03
CA LEU A 286 -15.50 4.96 0.86
C LEU A 286 -14.95 4.35 -0.43
N GLY A 287 -15.77 4.40 -1.49
CA GLY A 287 -15.40 3.87 -2.78
C GLY A 287 -15.52 2.37 -2.93
N SER A 288 -15.93 1.66 -1.88
CA SER A 288 -15.97 0.21 -1.90
C SER A 288 -17.41 -0.28 -2.02
N ALA A 289 -17.64 -1.23 -2.93
CA ALA A 289 -18.93 -1.88 -3.06
C ALA A 289 -19.15 -3.01 -2.07
N LEU A 290 -18.11 -3.39 -1.32
CA LEU A 290 -18.22 -4.41 -0.29
C LEU A 290 -17.87 -3.79 1.05
N LEU A 291 -18.33 -4.44 2.12
CA LEU A 291 -17.98 -4.01 3.46
C LEU A 291 -16.53 -4.40 3.77
N GLU A 292 -15.71 -3.42 4.12
CA GLU A 292 -14.28 -3.65 4.35
C GLU A 292 -14.05 -4.02 5.81
N ASP A 293 -13.28 -5.09 6.03
CA ASP A 293 -13.05 -5.57 7.39
C ASP A 293 -11.57 -5.66 7.77
N GLU A 294 -10.66 -5.00 7.03
CA GLU A 294 -9.25 -5.04 7.36
C GLU A 294 -8.68 -3.70 7.81
N PHE A 295 -9.52 -2.85 8.42
CA PHE A 295 -9.09 -1.71 9.24
C PHE A 295 -9.53 -1.97 10.68
N THR A 296 -8.58 -1.97 11.61
CA THR A 296 -8.94 -2.03 13.01
C THR A 296 -9.38 -0.65 13.50
N PRO A 297 -10.07 -0.58 14.64
CA PRO A 297 -10.34 0.74 15.24
C PRO A 297 -9.09 1.59 15.43
N PHE A 298 -7.98 0.97 15.84
CA PHE A 298 -6.73 1.70 15.99
C PHE A 298 -6.26 2.25 14.65
N ASP A 299 -6.36 1.45 13.58
CA ASP A 299 -5.95 1.91 12.25
C ASP A 299 -6.72 3.16 11.84
N VAL A 300 -8.03 3.19 12.13
CA VAL A 300 -8.83 4.37 11.81
C VAL A 300 -8.34 5.57 12.60
N VAL A 301 -8.16 5.41 13.92
CA VAL A 301 -7.74 6.53 14.75
C VAL A 301 -6.35 7.00 14.37
N ARG A 302 -5.43 6.06 14.18
CA ARG A 302 -4.05 6.42 13.84
C ARG A 302 -3.98 7.18 12.53
N GLN A 303 -4.86 6.86 11.58
CA GLN A 303 -4.87 7.56 10.31
C GLN A 303 -5.57 8.91 10.40
N CYS A 304 -6.59 9.01 11.24
CA CYS A 304 -7.29 10.28 11.44
C CYS A 304 -6.61 11.17 12.48
N SER A 305 -5.37 10.85 12.88
CA SER A 305 -4.65 11.65 13.85
C SER A 305 -3.19 11.89 13.48
N GLY A 306 -2.70 11.34 12.36
CA GLY A 306 -1.37 11.68 11.87
C GLY A 306 -0.21 11.11 12.66
N VAL A 307 -0.40 9.95 13.31
CA VAL A 307 0.66 9.36 14.10
C VAL A 307 1.80 8.93 13.19
N THR A 308 3.03 9.30 13.58
CA THR A 308 4.22 8.89 12.83
C THR A 308 5.09 7.94 13.65
N GLY B 4 -11.57 -12.39 -2.60
CA GLY B 4 -11.59 -11.23 -3.46
C GLY B 4 -11.15 -11.52 -4.89
N SER B 5 -10.55 -10.51 -5.54
CA SER B 5 -10.09 -10.65 -6.91
C SER B 5 -8.73 -11.30 -7.02
N GLY B 6 -7.96 -11.33 -5.92
CA GLY B 6 -6.57 -11.71 -5.98
C GLY B 6 -5.62 -10.56 -6.18
N PHE B 7 -6.14 -9.35 -6.44
CA PHE B 7 -5.35 -8.15 -6.62
C PHE B 7 -5.58 -7.19 -5.47
N ARG B 8 -4.60 -6.34 -5.23
CA ARG B 8 -4.69 -5.35 -4.17
C ARG B 8 -3.69 -4.25 -4.48
N LYS B 9 -3.94 -3.08 -3.91
CA LYS B 9 -3.00 -1.99 -4.04
C LYS B 9 -1.75 -2.33 -3.24
N MET B 10 -0.60 -2.32 -3.92
CA MET B 10 0.69 -2.64 -3.34
C MET B 10 1.61 -1.44 -3.57
N ALA B 11 2.20 -0.92 -2.51
CA ALA B 11 3.14 0.17 -2.64
C ALA B 11 4.56 -0.37 -2.83
N PHE B 12 5.43 0.46 -3.39
CA PHE B 12 6.84 0.13 -3.38
C PHE B 12 7.41 0.24 -1.97
N PRO B 13 8.44 -0.55 -1.65
CA PRO B 13 9.12 -0.38 -0.37
C PRO B 13 9.61 1.05 -0.24
N SER B 14 9.38 1.63 0.94
CA SER B 14 9.57 3.06 1.10
C SER B 14 10.94 3.46 1.64
N GLY B 15 11.80 2.51 1.98
CA GLY B 15 13.03 2.84 2.70
C GLY B 15 13.91 3.84 1.98
N LYS B 16 14.05 3.69 0.65
CA LYS B 16 14.91 4.62 -0.08
C LYS B 16 14.40 6.05 -0.02
N VAL B 17 13.08 6.22 0.10
CA VAL B 17 12.50 7.55 0.21
C VAL B 17 12.52 8.04 1.65
N GLU B 18 12.29 7.15 2.62
CA GLU B 18 12.40 7.53 4.02
C GLU B 18 13.75 8.17 4.30
N GLY B 19 14.81 7.63 3.70
CA GLY B 19 16.14 8.15 3.86
C GLY B 19 16.37 9.52 3.26
N CYS B 20 15.37 10.11 2.62
CA CYS B 20 15.48 11.42 2.02
C CYS B 20 14.54 12.45 2.64
N MET B 21 13.72 12.08 3.61
CA MET B 21 12.72 13.02 4.13
C MET B 21 13.34 13.87 5.24
N VAL B 22 13.09 15.18 5.14
CA VAL B 22 13.49 16.14 6.15
C VAL B 22 12.29 17.04 6.45
N GLN B 23 12.45 17.89 7.44
CA GLN B 23 11.47 18.93 7.71
C GLN B 23 12.06 20.30 7.37
N VAL B 24 11.19 21.19 6.89
CA VAL B 24 11.57 22.56 6.54
C VAL B 24 10.60 23.47 7.26
N THR B 25 11.14 24.41 8.04
CA THR B 25 10.32 25.35 8.78
C THR B 25 10.70 26.77 8.43
N CYS B 26 9.69 27.60 8.22
CA CYS B 26 9.83 29.05 8.14
C CYS B 26 8.90 29.63 9.19
N GLY B 27 9.46 30.33 10.16
CA GLY B 27 8.65 30.82 11.25
C GLY B 27 8.05 29.68 12.05
N THR B 28 6.72 29.58 12.06
CA THR B 28 6.04 28.49 12.72
C THR B 28 5.46 27.48 11.74
N THR B 29 5.68 27.66 10.45
CA THR B 29 5.15 26.75 9.45
C THR B 29 6.19 25.67 9.16
N THR B 30 5.86 24.42 9.45
CA THR B 30 6.74 23.29 9.18
C THR B 30 6.08 22.39 8.15
N LEU B 31 6.80 22.08 7.08
CA LEU B 31 6.35 21.01 6.21
C LEU B 31 7.50 20.06 5.90
N ASN B 32 7.28 19.12 4.98
CA ASN B 32 8.30 18.14 4.66
C ASN B 32 9.09 18.58 3.45
N GLY B 33 10.34 18.13 3.39
CA GLY B 33 11.19 18.36 2.24
C GLY B 33 11.88 17.07 1.84
N LEU B 34 12.43 17.08 0.63
CA LEU B 34 13.10 15.93 0.03
C LEU B 34 14.56 16.28 -0.16
N TRP B 35 15.46 15.56 0.50
CA TRP B 35 16.88 15.87 0.53
C TRP B 35 17.61 14.89 -0.39
N LEU B 36 18.10 15.38 -1.52
CA LEU B 36 18.79 14.56 -2.50
C LEU B 36 20.10 15.26 -2.83
N ASP B 37 21.22 14.55 -2.72
CA ASP B 37 22.53 15.18 -2.88
C ASP B 37 22.58 16.37 -1.92
N ASP B 38 22.94 17.57 -2.37
CA ASP B 38 23.03 18.73 -1.49
C ASP B 38 21.88 19.72 -1.70
N VAL B 39 20.71 19.25 -2.11
CA VAL B 39 19.56 20.11 -2.32
C VAL B 39 18.37 19.55 -1.58
N VAL B 40 17.60 20.42 -0.94
CA VAL B 40 16.33 20.08 -0.32
C VAL B 40 15.21 20.74 -1.14
N TYR B 41 14.23 19.93 -1.55
CA TYR B 41 13.09 20.37 -2.36
C TYR B 41 11.84 20.38 -1.47
N CYS B 42 11.05 21.44 -1.52
CA CYS B 42 9.83 21.48 -0.72
C CYS B 42 8.84 22.45 -1.37
N PRO B 43 7.58 22.43 -0.95
CA PRO B 43 6.61 23.39 -1.51
C PRO B 43 6.98 24.82 -1.15
N ARG B 44 6.82 25.72 -2.11
CA ARG B 44 7.21 27.09 -1.85
C ARG B 44 6.31 27.78 -0.82
N HIS B 45 5.10 27.26 -0.60
CA HIS B 45 4.22 27.94 0.36
C HIS B 45 4.70 27.85 1.82
N VAL B 46 5.78 27.11 2.08
CA VAL B 46 6.43 27.20 3.39
C VAL B 46 6.78 28.64 3.75
N ILE B 47 7.01 29.51 2.76
CA ILE B 47 7.41 30.89 3.04
C ILE B 47 6.24 31.81 3.35
N CYS B 48 5.02 31.29 3.35
CA CYS B 48 3.84 32.12 3.52
C CYS B 48 3.39 32.11 4.97
N THR B 49 2.87 33.26 5.42
CA THR B 49 2.05 33.31 6.61
C THR B 49 0.61 33.02 6.21
N SER B 50 -0.28 32.98 7.20
CA SER B 50 -1.69 32.76 6.91
C SER B 50 -2.26 33.87 6.03
N GLU B 51 -1.81 35.11 6.25
CA GLU B 51 -2.35 36.24 5.50
C GLU B 51 -1.88 36.22 4.05
N ASP B 52 -0.63 35.83 3.82
CA ASP B 52 -0.13 35.76 2.45
C ASP B 52 -0.76 34.62 1.67
N MET B 53 -1.32 33.61 2.34
CA MET B 53 -1.77 32.42 1.62
C MET B 53 -2.95 32.67 0.69
N LEU B 54 -3.76 33.71 0.95
CA LEU B 54 -4.92 33.96 0.10
C LEU B 54 -4.51 34.32 -1.32
N ASN B 55 -3.58 35.25 -1.46
CA ASN B 55 -3.07 35.66 -2.77
C ASN B 55 -1.60 36.02 -2.63
N PRO B 56 -0.74 35.02 -2.50
CA PRO B 56 0.67 35.29 -2.20
C PRO B 56 1.41 35.85 -3.40
N ASN B 57 2.29 36.83 -3.13
CA ASN B 57 3.27 37.30 -4.10
C ASN B 57 4.56 36.54 -3.79
N TYR B 58 4.71 35.37 -4.39
CA TYR B 58 5.83 34.50 -4.05
C TYR B 58 7.17 35.13 -4.39
N GLU B 59 7.24 35.87 -5.51
CA GLU B 59 8.49 36.50 -5.88
C GLU B 59 8.90 37.52 -4.82
N ASP B 60 7.94 38.32 -4.33
CA ASP B 60 8.28 39.31 -3.31
C ASP B 60 8.55 38.64 -1.97
N LEU B 61 7.78 37.62 -1.61
CA LEU B 61 8.03 36.92 -0.36
C LEU B 61 9.42 36.29 -0.35
N LEU B 62 9.86 35.77 -1.50
CA LEU B 62 11.17 35.13 -1.56
C LEU B 62 12.30 36.14 -1.47
N ILE B 63 12.13 37.33 -2.06
CA ILE B 63 13.16 38.35 -1.96
C ILE B 63 13.41 38.74 -0.51
N ARG B 64 12.36 38.74 0.31
CA ARG B 64 12.52 39.12 1.71
C ARG B 64 13.20 38.04 2.54
N LYS B 65 13.24 36.80 2.08
CA LYS B 65 13.85 35.71 2.83
C LYS B 65 15.35 35.66 2.56
N SER B 66 16.09 35.13 3.54
CA SER B 66 17.51 34.83 3.41
C SER B 66 17.76 33.39 3.79
N ASN B 67 18.97 32.90 3.52
CA ASN B 67 19.31 31.52 3.87
C ASN B 67 19.05 31.26 5.35
N HIS B 68 19.35 32.23 6.20
CA HIS B 68 19.22 32.04 7.64
C HIS B 68 17.78 32.03 8.14
N ASN B 69 16.77 32.22 7.27
CA ASN B 69 15.39 32.11 7.69
C ASN B 69 14.84 30.70 7.58
N PHE B 70 15.58 29.77 6.97
CA PHE B 70 15.06 28.42 6.72
C PHE B 70 15.68 27.46 7.73
N LEU B 71 14.82 26.78 8.48
CA LEU B 71 15.25 25.74 9.40
C LEU B 71 15.00 24.39 8.73
N VAL B 72 16.06 23.72 8.30
CA VAL B 72 15.97 22.39 7.72
C VAL B 72 16.54 21.41 8.73
N GLN B 73 15.79 20.34 9.00
CA GLN B 73 16.21 19.36 10.01
C GLN B 73 15.96 17.95 9.52
N ALA B 74 16.93 17.07 9.76
CA ALA B 74 16.74 15.63 9.61
C ALA B 74 16.67 15.08 11.03
N GLY B 75 15.49 14.66 11.44
CA GLY B 75 15.28 14.45 12.86
C GLY B 75 15.44 15.77 13.59
N ASN B 76 16.22 15.75 14.67
CA ASN B 76 16.54 16.96 15.42
C ASN B 76 17.80 17.66 14.95
N VAL B 77 18.45 17.14 13.90
CA VAL B 77 19.74 17.66 13.48
C VAL B 77 19.54 18.70 12.38
N GLN B 78 19.99 19.93 12.65
CA GLN B 78 19.84 21.00 11.68
C GLN B 78 20.80 20.81 10.51
N LEU B 79 20.29 21.09 9.31
CA LEU B 79 21.05 21.04 8.07
C LEU B 79 21.17 22.49 7.56
N ARG B 80 22.41 22.98 7.47
CA ARG B 80 22.63 24.39 7.19
C ARG B 80 22.34 24.71 5.72
N VAL B 81 21.57 25.78 5.52
CA VAL B 81 21.17 26.23 4.19
C VAL B 81 22.20 27.26 3.69
N ILE B 82 22.72 27.03 2.49
CA ILE B 82 23.73 27.88 1.90
C ILE B 82 23.27 28.54 0.60
N GLY B 83 22.05 28.25 0.15
CA GLY B 83 21.49 28.92 -1.01
C GLY B 83 20.02 28.62 -1.09
N HIS B 84 19.30 29.47 -1.82
CA HIS B 84 17.89 29.21 -2.04
C HIS B 84 17.45 29.75 -3.39
N SER B 85 16.51 29.05 -4.00
CA SER B 85 15.91 29.52 -5.24
C SER B 85 14.53 28.89 -5.36
N MET B 86 13.74 29.44 -6.29
CA MET B 86 12.39 28.97 -6.56
C MET B 86 12.35 28.47 -7.99
N GLN B 87 11.76 27.29 -8.18
CA GLN B 87 11.52 26.75 -9.53
C GLN B 87 10.05 26.41 -9.57
N ASN B 88 9.28 27.22 -10.32
CA ASN B 88 7.83 27.05 -10.35
C ASN B 88 7.28 27.08 -8.92
N CYS B 89 6.60 26.03 -8.47
CA CYS B 89 6.00 26.02 -7.14
C CYS B 89 6.84 25.28 -6.09
N VAL B 90 8.10 24.98 -6.38
CA VAL B 90 8.97 24.33 -5.41
CA VAL B 90 8.99 24.30 -5.44
C VAL B 90 10.10 25.25 -5.03
N LEU B 91 10.48 25.19 -3.77
CA LEU B 91 11.65 25.86 -3.24
C LEU B 91 12.79 24.86 -3.27
N LYS B 92 13.97 25.30 -3.72
CA LYS B 92 15.17 24.49 -3.71
C LYS B 92 16.17 25.14 -2.76
N LEU B 93 16.47 24.44 -1.67
CA LEU B 93 17.41 24.93 -0.67
C LEU B 93 18.71 24.18 -0.83
N LYS B 94 19.78 24.89 -1.20
CA LYS B 94 21.09 24.28 -1.23
C LYS B 94 21.57 24.14 0.21
N VAL B 95 22.09 22.97 0.56
CA VAL B 95 22.56 22.70 1.92
C VAL B 95 24.03 22.31 1.88
N ASP B 96 24.67 22.37 3.06
CA ASP B 96 26.11 22.16 3.09
C ASP B 96 26.53 20.69 3.18
N THR B 97 25.58 19.76 3.16
CA THR B 97 25.87 18.35 3.34
C THR B 97 25.13 17.57 2.27
N ALA B 98 25.84 16.69 1.57
CA ALA B 98 25.20 15.78 0.62
C ALA B 98 24.59 14.63 1.39
N ASN B 99 23.33 14.32 1.10
CA ASN B 99 22.65 13.25 1.81
C ASN B 99 23.32 11.92 1.55
N PRO B 100 23.92 11.28 2.56
CA PRO B 100 24.59 10.00 2.32
C PRO B 100 23.64 8.89 1.92
N LYS B 101 22.34 9.06 2.15
CA LYS B 101 21.36 8.07 1.78
C LYS B 101 20.71 8.37 0.44
N THR B 102 21.24 9.32 -0.33
CA THR B 102 20.65 9.63 -1.64
C THR B 102 20.65 8.37 -2.50
N PRO B 103 19.50 7.91 -2.97
CA PRO B 103 19.49 6.77 -3.89
C PRO B 103 19.78 7.23 -5.31
N LYS B 104 19.94 6.27 -6.21
CA LYS B 104 19.82 6.62 -7.62
C LYS B 104 18.41 7.14 -7.85
N TYR B 105 18.28 8.27 -8.53
CA TYR B 105 16.96 8.87 -8.67
C TYR B 105 16.82 9.64 -9.97
N LYS B 106 15.56 9.88 -10.33
CA LYS B 106 15.23 10.82 -11.39
C LYS B 106 13.91 11.50 -11.04
N PHE B 107 13.66 12.61 -11.70
CA PHE B 107 12.39 13.33 -11.60
C PHE B 107 11.60 13.03 -12.86
N VAL B 108 10.39 12.50 -12.70
CA VAL B 108 9.53 12.20 -13.83
CA VAL B 108 9.51 12.15 -13.81
C VAL B 108 8.19 12.88 -13.64
N ARG B 109 7.59 13.30 -14.75
CA ARG B 109 6.24 13.85 -14.74
C ARG B 109 5.34 12.77 -15.32
N ILE B 110 4.40 12.29 -14.52
CA ILE B 110 3.61 11.14 -14.94
C ILE B 110 2.37 11.61 -15.70
N GLN B 111 1.71 10.67 -16.37
CA GLN B 111 0.48 10.86 -17.11
C GLN B 111 -0.72 10.41 -16.26
N PRO B 112 -1.89 10.99 -16.52
CA PRO B 112 -3.10 10.51 -15.84
C PRO B 112 -3.24 9.00 -16.03
N GLY B 113 -3.71 8.32 -14.99
CA GLY B 113 -3.82 6.88 -14.98
C GLY B 113 -2.63 6.18 -14.35
N GLN B 114 -1.45 6.80 -14.38
CA GLN B 114 -0.29 6.18 -13.76
CA GLN B 114 -0.29 6.17 -13.76
C GLN B 114 -0.45 6.13 -12.25
N THR B 115 0.06 5.05 -11.65
CA THR B 115 0.03 4.91 -10.22
C THR B 115 1.42 5.17 -9.65
N PHE B 116 1.44 5.44 -8.36
CA PHE B 116 2.68 5.73 -7.65
C PHE B 116 2.42 5.55 -6.18
N SER B 117 3.50 5.37 -5.43
CA SER B 117 3.42 5.20 -4.00
C SER B 117 3.61 6.56 -3.34
N VAL B 118 2.80 6.83 -2.34
CA VAL B 118 2.91 8.05 -1.53
C VAL B 118 3.44 7.66 -0.17
N LEU B 119 4.47 8.37 0.29
CA LEU B 119 4.97 8.21 1.65
C LEU B 119 4.46 9.41 2.43
N ALA B 120 3.38 9.23 3.18
CA ALA B 120 2.78 10.34 3.90
C ALA B 120 3.65 10.65 5.11
N CYS B 121 4.05 11.91 5.26
CA CYS B 121 5.00 12.32 6.29
C CYS B 121 4.47 13.53 7.03
N TYR B 122 4.84 13.62 8.30
CA TYR B 122 4.53 14.78 9.12
C TYR B 122 5.77 15.12 9.92
N ASN B 123 6.17 16.39 9.90
CA ASN B 123 7.37 16.84 10.58
C ASN B 123 8.60 16.05 10.18
N GLY B 124 8.66 15.68 8.90
CA GLY B 124 9.80 14.94 8.39
C GLY B 124 9.82 13.47 8.75
N SER B 125 8.79 12.96 9.41
CA SER B 125 8.75 11.57 9.86
CA SER B 125 8.75 11.57 9.86
C SER B 125 7.66 10.82 9.11
N PRO B 126 7.97 9.66 8.54
CA PRO B 126 6.97 8.94 7.75
C PRO B 126 5.90 8.31 8.63
N SER B 127 4.65 8.40 8.18
CA SER B 127 3.55 7.76 8.87
C SER B 127 3.04 6.52 8.16
N GLY B 128 3.08 6.48 6.84
CA GLY B 128 2.51 5.36 6.13
C GLY B 128 2.77 5.46 4.65
N VAL B 129 2.58 4.35 3.95
CA VAL B 129 2.80 4.30 2.52
CA VAL B 129 2.82 4.27 2.51
C VAL B 129 1.61 3.64 1.85
N TYR B 130 1.19 4.19 0.72
CA TYR B 130 0.03 3.66 0.02
C TYR B 130 0.09 4.07 -1.43
N GLN B 131 -0.63 3.32 -2.27
CA GLN B 131 -0.61 3.57 -3.70
C GLN B 131 -1.74 4.52 -4.08
N CYS B 132 -1.44 5.44 -5.00
CA CYS B 132 -2.41 6.38 -5.55
C CYS B 132 -2.38 6.28 -7.07
N ALA B 133 -3.50 6.62 -7.70
CA ALA B 133 -3.57 6.77 -9.15
C ALA B 133 -3.82 8.23 -9.46
N MET B 134 -3.05 8.78 -10.40
CA MET B 134 -3.36 10.12 -10.90
C MET B 134 -4.63 10.06 -11.72
N ARG B 135 -5.69 10.75 -11.27
CA ARG B 135 -6.95 10.71 -11.99
C ARG B 135 -6.86 11.56 -13.26
N PRO B 136 -7.76 11.32 -14.22
CA PRO B 136 -7.77 12.15 -15.45
C PRO B 136 -7.95 13.63 -15.20
N ASN B 137 -8.58 14.04 -14.09
CA ASN B 137 -8.70 15.45 -13.75
C ASN B 137 -7.50 15.96 -12.97
N PHE B 138 -6.43 15.16 -12.88
CA PHE B 138 -5.16 15.58 -12.29
C PHE B 138 -5.28 15.80 -10.78
N THR B 139 -6.09 14.98 -10.13
CA THR B 139 -6.15 14.92 -8.67
C THR B 139 -5.85 13.50 -8.24
N ILE B 140 -5.51 13.35 -6.96
CA ILE B 140 -5.34 12.03 -6.38
C ILE B 140 -6.23 11.89 -5.16
N LYS B 141 -6.58 10.64 -4.86
CA LYS B 141 -7.41 10.32 -3.69
C LYS B 141 -6.44 9.85 -2.61
N GLY B 142 -5.88 10.81 -1.87
CA GLY B 142 -4.91 10.53 -0.86
C GLY B 142 -5.52 10.49 0.54
N SER B 143 -4.62 10.38 1.52
CA SER B 143 -4.97 10.50 2.94
C SER B 143 -3.92 11.46 3.48
N PHE B 144 -4.25 12.74 3.44
CA PHE B 144 -3.34 13.81 3.84
C PHE B 144 -4.01 14.70 4.86
N LEU B 145 -3.32 14.98 5.95
CA LEU B 145 -3.77 15.89 6.99
C LEU B 145 -2.90 17.15 6.98
N ASN B 146 -3.24 18.08 7.86
CA ASN B 146 -2.37 19.24 8.09
C ASN B 146 -0.95 18.76 8.35
N GLY B 147 0.01 19.43 7.72
CA GLY B 147 1.41 19.10 7.90
C GLY B 147 1.97 18.12 6.89
N SER B 148 1.13 17.58 6.00
CA SER B 148 1.55 16.56 5.06
C SER B 148 2.24 17.13 3.84
N CYS B 149 2.16 18.43 3.59
CA CYS B 149 2.74 18.99 2.38
C CYS B 149 4.22 18.68 2.29
N GLY B 150 4.68 18.46 1.06
CA GLY B 150 6.04 18.03 0.83
C GLY B 150 6.24 16.53 0.83
N SER B 151 5.26 15.77 1.33
CA SER B 151 5.27 14.33 1.10
C SER B 151 5.33 14.08 -0.40
N VAL B 152 6.01 13.00 -0.77
CA VAL B 152 6.26 12.73 -2.19
C VAL B 152 5.62 11.43 -2.64
N GLY B 153 5.37 11.38 -3.94
CA GLY B 153 4.99 10.15 -4.62
C GLY B 153 6.12 9.69 -5.53
N PHE B 154 6.22 8.38 -5.71
CA PHE B 154 7.38 7.82 -6.39
C PHE B 154 7.06 6.43 -6.91
N ASN B 155 7.86 5.99 -7.88
CA ASN B 155 7.95 4.60 -8.29
C ASN B 155 9.41 4.19 -8.21
N ILE B 156 9.68 2.89 -8.12
CA ILE B 156 11.04 2.38 -8.06
C ILE B 156 11.22 1.38 -9.19
N ASP B 157 12.23 1.59 -10.02
CA ASP B 157 12.59 0.68 -11.11
C ASP B 157 14.03 0.27 -10.91
N TYR B 158 14.23 -1.03 -10.67
CA TYR B 158 15.54 -1.58 -10.29
C TYR B 158 15.98 -0.85 -9.02
N ASP B 159 17.10 -0.14 -9.01
CA ASP B 159 17.52 0.57 -7.82
C ASP B 159 17.23 2.07 -7.89
N CYS B 160 16.46 2.51 -8.89
CA CYS B 160 16.29 3.92 -9.18
C CYS B 160 14.90 4.40 -8.76
N VAL B 161 14.88 5.44 -7.94
CA VAL B 161 13.62 6.02 -7.49
C VAL B 161 13.23 7.13 -8.46
N SER B 162 12.08 6.98 -9.10
CA SER B 162 11.52 8.03 -9.94
C SER B 162 10.50 8.82 -9.12
N PHE B 163 10.87 10.04 -8.73
CA PHE B 163 9.97 10.90 -7.98
C PHE B 163 9.05 11.60 -8.95
N CYS B 164 7.74 11.53 -8.69
CA CYS B 164 6.77 12.08 -9.60
C CYS B 164 5.78 13.05 -8.98
N TYR B 165 5.69 13.14 -7.64
CA TYR B 165 4.65 13.95 -7.04
C TYR B 165 5.18 14.57 -5.74
N MET B 166 4.78 15.82 -5.49
CA MET B 166 4.99 16.43 -4.19
C MET B 166 3.67 17.08 -3.78
N HIS B 167 3.26 16.86 -2.52
CA HIS B 167 1.91 17.23 -2.12
C HIS B 167 1.81 18.70 -1.72
N HIS B 168 0.74 19.38 -2.19
CA HIS B 168 0.57 20.81 -1.87
C HIS B 168 -0.78 21.16 -1.25
N MET B 169 -1.87 20.48 -1.60
CA MET B 169 -3.16 21.02 -1.18
C MET B 169 -4.29 20.00 -1.30
N GLU B 170 -5.37 20.30 -0.59
CA GLU B 170 -6.61 19.55 -0.62
C GLU B 170 -7.71 20.41 -1.22
N LEU B 171 -8.49 19.82 -2.11
CA LEU B 171 -9.57 20.50 -2.80
C LEU B 171 -10.87 20.35 -2.00
N PRO B 172 -11.88 21.17 -2.29
CA PRO B 172 -13.15 21.09 -1.54
C PRO B 172 -13.80 19.71 -1.54
N THR B 173 -13.61 18.91 -2.59
CA THR B 173 -14.22 17.60 -2.63
C THR B 173 -13.41 16.56 -1.85
N GLY B 174 -12.33 16.95 -1.18
CA GLY B 174 -11.55 16.03 -0.39
C GLY B 174 -10.44 15.32 -1.14
N VAL B 175 -10.29 15.55 -2.44
CA VAL B 175 -9.17 15.00 -3.20
C VAL B 175 -7.99 15.96 -3.12
N HIS B 176 -6.86 15.56 -3.69
CA HIS B 176 -5.59 16.22 -3.42
C HIS B 176 -4.89 16.61 -4.70
N ALA B 177 -4.08 17.67 -4.61
CA ALA B 177 -3.40 18.22 -5.78
C ALA B 177 -1.97 18.59 -5.41
N GLY B 178 -1.09 18.51 -6.40
CA GLY B 178 0.31 18.76 -6.16
C GLY B 178 1.08 18.90 -7.46
N THR B 179 2.40 18.89 -7.33
CA THR B 179 3.30 19.20 -8.43
C THR B 179 4.20 18.00 -8.70
N ASP B 180 4.90 18.07 -9.84
CA ASP B 180 6.07 17.21 -10.01
C ASP B 180 7.24 17.81 -9.21
N LEU B 181 8.40 17.20 -9.31
CA LEU B 181 9.54 17.67 -8.54
C LEU B 181 10.24 18.87 -9.18
N GLU B 182 9.81 19.28 -10.37
CA GLU B 182 10.19 20.57 -10.93
C GLU B 182 9.21 21.68 -10.56
N GLY B 183 8.21 21.38 -9.72
CA GLY B 183 7.31 22.39 -9.23
C GLY B 183 6.14 22.74 -10.13
N ASN B 184 5.92 21.99 -11.20
CA ASN B 184 4.79 22.25 -12.09
C ASN B 184 3.59 21.46 -11.60
N PHE B 185 2.49 22.17 -11.29
CA PHE B 185 1.30 21.46 -10.84
C PHE B 185 0.82 20.50 -11.91
N TYR B 186 0.32 19.36 -11.45
CA TYR B 186 -0.53 18.53 -12.30
C TYR B 186 -1.90 19.19 -12.34
N GLY B 187 -2.41 19.40 -13.55
CA GLY B 187 -3.69 20.04 -13.72
C GLY B 187 -3.63 21.54 -13.62
N PRO B 188 -4.80 22.17 -13.57
CA PRO B 188 -4.88 23.64 -13.63
C PRO B 188 -4.71 24.37 -12.29
N PHE B 189 -4.33 23.68 -11.23
CA PHE B 189 -4.39 24.25 -9.89
C PHE B 189 -3.20 25.18 -9.62
N VAL B 190 -3.39 26.01 -8.60
CA VAL B 190 -2.39 27.00 -8.18
C VAL B 190 -2.28 26.96 -6.66
N ASP B 191 -1.08 27.27 -6.15
CA ASP B 191 -0.82 27.16 -4.71
C ASP B 191 -1.22 28.44 -3.99
N ARG B 192 -2.53 28.63 -3.88
CA ARG B 192 -3.09 29.71 -3.08
C ARG B 192 -4.32 29.19 -2.34
N GLN B 193 -4.60 29.82 -1.20
CA GLN B 193 -5.68 29.41 -0.30
C GLN B 193 -7.02 29.94 -0.80
N THR B 194 -7.40 29.49 -1.99
CA THR B 194 -8.65 29.86 -2.62
C THR B 194 -9.42 28.60 -2.99
N ALA B 195 -10.74 28.75 -3.15
CA ALA B 195 -11.57 27.65 -3.58
C ALA B 195 -11.26 27.33 -5.04
N GLN B 196 -10.89 26.08 -5.30
CA GLN B 196 -10.60 25.62 -6.66
C GLN B 196 -11.32 24.30 -6.88
N ALA B 197 -11.87 24.13 -8.07
CA ALA B 197 -12.67 22.96 -8.39
C ALA B 197 -11.89 22.06 -9.31
N ALA B 198 -11.87 20.77 -9.00
CA ALA B 198 -11.39 19.79 -9.96
C ALA B 198 -12.42 19.66 -11.07
N GLY B 199 -11.93 19.35 -12.28
CA GLY B 199 -12.83 19.00 -13.34
C GLY B 199 -13.58 17.72 -13.02
N THR B 200 -14.70 17.53 -13.71
CA THR B 200 -15.42 16.27 -13.58
C THR B 200 -14.47 15.13 -13.93
N ASP B 201 -14.43 14.13 -13.07
CA ASP B 201 -13.51 13.03 -13.29
C ASP B 201 -14.11 12.02 -14.26
N THR B 202 -13.24 11.22 -14.85
CA THR B 202 -13.62 10.19 -15.80
C THR B 202 -12.91 8.89 -15.41
N THR B 203 -13.36 7.81 -16.02
CA THR B 203 -12.79 6.50 -15.76
C THR B 203 -11.52 6.30 -16.58
N ILE B 204 -10.49 5.71 -15.94
CA ILE B 204 -9.21 5.54 -16.61
C ILE B 204 -9.25 4.32 -17.52
N THR B 205 -9.58 4.53 -18.79
CA THR B 205 -9.80 3.44 -19.73
C THR B 205 -8.61 2.50 -19.83
N VAL B 206 -7.39 3.05 -19.90
CA VAL B 206 -6.23 2.18 -20.08
C VAL B 206 -6.10 1.19 -18.95
N ASN B 207 -6.47 1.61 -17.74
CA ASN B 207 -6.37 0.71 -16.59
C ASN B 207 -7.53 -0.27 -16.55
N VAL B 208 -8.72 0.12 -17.01
CA VAL B 208 -9.79 -0.85 -17.16
C VAL B 208 -9.39 -1.94 -18.14
N LEU B 209 -8.75 -1.55 -19.25
CA LEU B 209 -8.25 -2.54 -20.19
C LEU B 209 -7.22 -3.46 -19.54
N ALA B 210 -6.30 -2.89 -18.75
CA ALA B 210 -5.33 -3.71 -18.03
C ALA B 210 -6.04 -4.70 -17.13
N TRP B 211 -7.13 -4.26 -16.48
CA TRP B 211 -7.92 -5.14 -15.62
C TRP B 211 -8.56 -6.28 -16.41
N LEU B 212 -9.09 -5.97 -17.60
CA LEU B 212 -9.65 -7.03 -18.45
C LEU B 212 -8.58 -8.03 -18.86
N TYR B 213 -7.38 -7.55 -19.20
CA TYR B 213 -6.26 -8.45 -19.48
C TYR B 213 -5.93 -9.31 -18.27
N ALA B 214 -5.91 -8.71 -17.07
CA ALA B 214 -5.68 -9.47 -15.84
C ALA B 214 -6.72 -10.58 -15.71
N ALA B 215 -7.98 -10.27 -15.99
CA ALA B 215 -9.02 -11.29 -15.91
C ALA B 215 -8.74 -12.44 -16.87
N VAL B 216 -8.37 -12.11 -18.11
CA VAL B 216 -8.06 -13.16 -19.10
C VAL B 216 -6.89 -14.02 -18.62
N ILE B 217 -5.83 -13.38 -18.09
CA ILE B 217 -4.67 -14.12 -17.59
C ILE B 217 -5.11 -15.15 -16.57
N ASN B 218 -6.11 -14.81 -15.76
CA ASN B 218 -6.63 -15.68 -14.72
C ASN B 218 -7.77 -16.58 -15.19
N GLY B 219 -7.99 -16.67 -16.50
CA GLY B 219 -8.97 -17.61 -17.05
C GLY B 219 -10.40 -17.12 -17.04
N ASP B 220 -10.63 -15.84 -16.79
CA ASP B 220 -11.97 -15.26 -16.72
C ASP B 220 -12.14 -14.44 -18.00
N ARG B 221 -12.76 -15.05 -19.01
CA ARG B 221 -12.70 -14.44 -20.34
C ARG B 221 -14.04 -14.45 -21.07
N TRP B 222 -15.17 -14.52 -20.36
CA TRP B 222 -16.48 -14.61 -21.02
C TRP B 222 -16.79 -13.39 -21.88
N PHE B 223 -16.16 -12.26 -21.61
CA PHE B 223 -16.47 -10.99 -22.26
C PHE B 223 -15.72 -10.78 -23.56
N LEU B 224 -14.83 -11.70 -23.95
CA LEU B 224 -14.11 -11.55 -25.21
C LEU B 224 -15.06 -11.82 -26.35
N ASN B 225 -15.07 -10.94 -27.35
CA ASN B 225 -15.92 -11.13 -28.52
C ASN B 225 -15.08 -11.32 -29.79
N ARG B 226 -15.76 -11.54 -30.91
CA ARG B 226 -15.10 -11.85 -32.17
C ARG B 226 -14.89 -10.62 -33.04
N PHE B 227 -14.91 -9.43 -32.45
CA PHE B 227 -14.89 -8.21 -33.24
C PHE B 227 -13.71 -7.33 -32.84
N THR B 228 -13.55 -6.25 -33.60
CA THR B 228 -12.51 -5.27 -33.35
C THR B 228 -13.11 -3.90 -33.62
N THR B 229 -12.31 -2.87 -33.39
CA THR B 229 -12.75 -1.50 -33.58
C THR B 229 -11.55 -0.68 -34.00
N THR B 230 -11.80 0.49 -34.56
CA THR B 230 -10.71 1.43 -34.67
C THR B 230 -10.56 2.19 -33.35
N LEU B 231 -9.38 2.76 -33.16
CA LEU B 231 -9.14 3.55 -31.97
C LEU B 231 -10.08 4.76 -31.92
N ASN B 232 -10.28 5.44 -33.05
CA ASN B 232 -11.18 6.59 -33.08
C ASN B 232 -12.60 6.19 -32.72
N ASP B 233 -13.11 5.12 -33.32
CA ASP B 233 -14.49 4.70 -33.03
C ASP B 233 -14.63 4.37 -31.54
N PHE B 234 -13.65 3.68 -30.97
CA PHE B 234 -13.71 3.37 -29.54
C PHE B 234 -13.71 4.64 -28.71
N ASN B 235 -12.80 5.56 -29.00
CA ASN B 235 -12.71 6.79 -28.22
C ASN B 235 -14.01 7.57 -28.24
N LEU B 236 -14.67 7.64 -29.39
CA LEU B 236 -15.93 8.38 -29.48
C LEU B 236 -16.99 7.72 -28.61
N VAL B 237 -17.06 6.39 -28.61
CA VAL B 237 -18.01 5.70 -27.77
C VAL B 237 -17.64 5.85 -26.30
N ALA B 238 -16.37 5.64 -25.97
CA ALA B 238 -15.92 5.71 -24.58
C ALA B 238 -16.33 7.04 -23.94
N MET B 239 -16.19 8.14 -24.66
CA MET B 239 -16.52 9.44 -24.08
C MET B 239 -17.99 9.54 -23.71
N LYS B 240 -18.87 8.81 -24.40
CA LYS B 240 -20.27 8.85 -24.05
C LYS B 240 -20.56 8.17 -22.72
N TYR B 241 -19.63 7.35 -22.23
CA TYR B 241 -19.78 6.64 -20.96
C TYR B 241 -18.87 7.21 -19.89
N ASN B 242 -18.40 8.44 -20.10
CA ASN B 242 -17.50 9.12 -19.16
CA ASN B 242 -17.51 9.10 -19.14
C ASN B 242 -16.20 8.34 -18.95
N TYR B 243 -15.74 7.67 -20.00
CA TYR B 243 -14.43 7.02 -20.01
C TYR B 243 -13.45 7.90 -20.77
N GLU B 244 -12.20 7.90 -20.33
CA GLU B 244 -11.17 8.67 -21.01
C GLU B 244 -10.90 8.10 -22.41
N PRO B 245 -10.65 8.95 -23.40
CA PRO B 245 -10.12 8.45 -24.67
C PRO B 245 -8.73 7.88 -24.48
N LEU B 246 -8.41 6.87 -25.27
CA LEU B 246 -7.07 6.30 -25.27
C LEU B 246 -6.13 7.14 -26.11
N THR B 247 -4.88 7.21 -25.68
CA THR B 247 -3.80 7.81 -26.45
C THR B 247 -2.95 6.69 -27.06
N GLN B 248 -2.07 7.09 -27.98
CA GLN B 248 -1.14 6.11 -28.54
C GLN B 248 -0.25 5.52 -27.46
N ASP B 249 0.15 6.34 -26.49
CA ASP B 249 0.96 5.84 -25.37
C ASP B 249 0.22 4.77 -24.58
N HIS B 250 -1.09 4.94 -24.41
CA HIS B 250 -1.89 3.92 -23.74
C HIS B 250 -1.86 2.61 -24.52
N VAL B 251 -2.05 2.70 -25.83
CA VAL B 251 -1.97 1.50 -26.65
C VAL B 251 -0.63 0.79 -26.44
N ASP B 252 0.46 1.57 -26.42
CA ASP B 252 1.80 1.01 -26.28
C ASP B 252 1.99 0.36 -24.91
N ILE B 253 1.54 1.00 -23.83
CA ILE B 253 1.77 0.41 -22.51
C ILE B 253 0.94 -0.84 -22.30
N LEU B 254 -0.13 -1.04 -23.08
CA LEU B 254 -0.86 -2.30 -23.08
C LEU B 254 -0.17 -3.39 -23.90
N GLY B 255 0.94 -3.06 -24.57
CA GLY B 255 1.64 -4.00 -25.43
C GLY B 255 2.03 -5.31 -24.77
N PRO B 256 2.69 -5.25 -23.61
CA PRO B 256 3.09 -6.50 -22.95
C PRO B 256 1.91 -7.41 -22.59
N LEU B 257 0.80 -6.85 -22.11
CA LEU B 257 -0.36 -7.67 -21.76
C LEU B 257 -1.01 -8.23 -23.01
N SER B 258 -1.07 -7.44 -24.08
CA SER B 258 -1.57 -7.95 -25.35
CA SER B 258 -1.58 -7.95 -25.34
C SER B 258 -0.72 -9.10 -25.87
N ALA B 259 0.60 -8.99 -25.75
CA ALA B 259 1.47 -10.09 -26.18
C ALA B 259 1.32 -11.30 -25.27
N GLN B 260 1.11 -11.08 -23.97
CA GLN B 260 1.01 -12.20 -23.03
C GLN B 260 -0.25 -13.00 -23.28
N THR B 261 -1.33 -12.35 -23.71
CA THR B 261 -2.61 -13.02 -23.92
C THR B 261 -2.91 -13.30 -25.38
N GLY B 262 -2.18 -12.69 -26.31
CA GLY B 262 -2.52 -12.82 -27.71
C GLY B 262 -3.74 -12.03 -28.16
N ILE B 263 -4.27 -11.16 -27.30
CA ILE B 263 -5.47 -10.38 -27.62
C ILE B 263 -5.01 -9.00 -28.02
N ALA B 264 -5.24 -8.63 -29.27
CA ALA B 264 -4.86 -7.31 -29.75
C ALA B 264 -5.57 -6.24 -28.93
N VAL B 265 -4.87 -5.12 -28.73
CA VAL B 265 -5.43 -4.03 -27.94
C VAL B 265 -6.80 -3.60 -28.48
N LEU B 266 -6.89 -3.44 -29.81
CA LEU B 266 -8.16 -2.98 -30.38
C LEU B 266 -9.25 -4.04 -30.28
N ASP B 267 -8.89 -5.32 -30.24
CA ASP B 267 -9.90 -6.35 -29.97
C ASP B 267 -10.41 -6.24 -28.54
N MET B 268 -9.50 -6.00 -27.58
CA MET B 268 -9.96 -5.80 -26.21
C MET B 268 -10.82 -4.55 -26.10
N CYS B 269 -10.47 -3.50 -26.85
CA CYS B 269 -11.32 -2.30 -26.88
C CYS B 269 -12.73 -2.63 -27.35
N ALA B 270 -12.86 -3.52 -28.36
CA ALA B 270 -14.19 -3.89 -28.81
C ALA B 270 -14.95 -4.63 -27.72
N SER B 271 -14.24 -5.47 -26.96
CA SER B 271 -14.89 -6.17 -25.85
C SER B 271 -15.34 -5.20 -24.77
N LEU B 272 -14.49 -4.22 -24.45
CA LEU B 272 -14.89 -3.21 -23.47
C LEU B 272 -16.07 -2.39 -23.98
N LYS B 273 -16.05 -2.04 -25.26
CA LYS B 273 -17.15 -1.28 -25.85
C LYS B 273 -18.48 -2.02 -25.68
N GLU B 274 -18.47 -3.33 -25.92
CA GLU B 274 -19.69 -4.11 -25.73
C GLU B 274 -20.13 -4.11 -24.26
N LEU B 275 -19.17 -4.18 -23.34
CA LEU B 275 -19.51 -4.10 -21.91
C LEU B 275 -20.15 -2.77 -21.57
N LEU B 276 -19.61 -1.67 -22.10
CA LEU B 276 -20.18 -0.35 -21.82
C LEU B 276 -21.60 -0.24 -22.37
N GLN B 277 -21.82 -0.75 -23.58
CA GLN B 277 -23.10 -0.57 -24.25
C GLN B 277 -24.16 -1.55 -23.77
N ASN B 278 -23.77 -2.78 -23.41
CA ASN B 278 -24.72 -3.80 -22.99
C ASN B 278 -24.80 -3.96 -21.48
N GLY B 279 -23.82 -3.47 -20.73
CA GLY B 279 -23.72 -3.78 -19.33
C GLY B 279 -23.18 -5.18 -19.12
N MET B 280 -23.06 -5.55 -17.85
CA MET B 280 -22.54 -6.86 -17.51
C MET B 280 -23.62 -7.89 -17.19
N ASN B 281 -24.85 -7.44 -16.90
CA ASN B 281 -26.02 -8.31 -16.78
C ASN B 281 -25.79 -9.43 -15.77
N GLY B 282 -25.62 -9.03 -14.51
CA GLY B 282 -25.45 -9.98 -13.42
C GLY B 282 -24.13 -10.72 -13.41
N ARG B 283 -23.36 -10.69 -14.50
CA ARG B 283 -22.09 -11.38 -14.54
C ARG B 283 -21.03 -10.57 -13.82
N THR B 284 -19.92 -11.24 -13.51
CA THR B 284 -18.81 -10.61 -12.81
C THR B 284 -17.51 -10.86 -13.56
N ILE B 285 -16.53 -10.01 -13.29
CA ILE B 285 -15.17 -10.15 -13.81
C ILE B 285 -14.24 -10.07 -12.62
N LEU B 286 -13.40 -11.10 -12.46
CA LEU B 286 -12.54 -11.21 -11.29
C LEU B 286 -13.33 -11.07 -9.99
N GLY B 287 -14.55 -11.61 -9.99
CA GLY B 287 -15.38 -11.64 -8.80
C GLY B 287 -16.18 -10.39 -8.53
N SER B 288 -16.16 -9.40 -9.41
CA SER B 288 -16.84 -8.13 -9.15
C SER B 288 -17.66 -7.70 -10.35
N ALA B 289 -18.81 -7.08 -10.08
CA ALA B 289 -19.61 -6.44 -11.10
C ALA B 289 -19.08 -5.07 -11.49
N LEU B 290 -18.09 -4.55 -10.76
CA LEU B 290 -17.52 -3.25 -11.03
C LEU B 290 -16.15 -3.40 -11.66
N LEU B 291 -15.89 -2.60 -12.69
CA LEU B 291 -14.59 -2.62 -13.35
C LEU B 291 -13.62 -1.72 -12.59
N GLU B 292 -12.41 -2.22 -12.37
CA GLU B 292 -11.39 -1.50 -11.62
C GLU B 292 -10.54 -0.65 -12.55
N ASP B 293 -10.25 0.60 -12.15
CA ASP B 293 -9.50 1.51 -13.01
C ASP B 293 -8.24 2.08 -12.37
N GLU B 294 -7.78 1.49 -11.25
CA GLU B 294 -6.59 2.00 -10.59
C GLU B 294 -5.42 1.02 -10.57
N PHE B 295 -5.47 -0.02 -11.39
CA PHE B 295 -4.32 -0.87 -11.63
C PHE B 295 -3.83 -0.63 -13.05
N THR B 296 -2.58 -0.19 -13.18
CA THR B 296 -1.99 0.06 -14.49
C THR B 296 -1.55 -1.26 -15.11
N PRO B 297 -1.22 -1.26 -16.41
CA PRO B 297 -0.64 -2.47 -17.01
C PRO B 297 0.58 -2.97 -16.26
N PHE B 298 1.41 -2.05 -15.74
CA PHE B 298 2.59 -2.45 -14.96
C PHE B 298 2.19 -3.13 -13.66
N ASP B 299 1.17 -2.60 -12.98
CA ASP B 299 0.70 -3.22 -11.75
C ASP B 299 0.19 -4.63 -11.98
N VAL B 300 -0.53 -4.84 -13.07
CA VAL B 300 -1.09 -6.16 -13.36
C VAL B 300 0.02 -7.17 -13.58
N VAL B 301 1.00 -6.82 -14.43
CA VAL B 301 2.10 -7.74 -14.70
C VAL B 301 2.86 -8.04 -13.41
N ARG B 302 3.07 -7.02 -12.57
CA ARG B 302 3.76 -7.25 -11.30
C ARG B 302 3.01 -8.28 -10.44
N GLN B 303 1.69 -8.19 -10.38
CA GLN B 303 0.93 -9.07 -9.50
C GLN B 303 0.60 -10.41 -10.13
N CYS B 304 0.57 -10.50 -11.46
CA CYS B 304 0.32 -11.75 -12.15
C CYS B 304 1.59 -12.57 -12.35
N SER B 305 2.68 -11.90 -12.71
CA SER B 305 3.89 -12.60 -13.13
C SER B 305 5.11 -12.33 -12.27
N GLY B 306 5.12 -11.25 -11.49
CA GLY B 306 6.28 -10.93 -10.66
C GLY B 306 7.32 -10.12 -11.40
#